data_5MXG
#
_entry.id   5MXG
#
_cell.length_a   80.309
_cell.length_b   80.309
_cell.length_c   112.973
_cell.angle_alpha   90.00
_cell.angle_beta   90.00
_cell.angle_gamma   120.00
#
_symmetry.space_group_name_H-M   'P 31 2 1'
#
loop_
_entity.id
_entity.type
_entity.pdbx_description
1 polymer 'Photorhabdus asymbiotica lectin PHL'
2 branched alpha-L-fucopyranose-(1-2)-beta-D-galactopyranose-(1-4)-2-acetamido-2-deoxy-beta-D-glucopyranose
3 non-polymer 'SODIUM ION'
4 water water
#
_entity_poly.entity_id   1
_entity_poly.type   'polypeptide(L)'
_entity_poly.pdbx_seq_one_letter_code
;MQPINTSNPDNTASYVKDEVEITSSTIALSEIVSVVNTSDGRLEVFGVGTDKAVWHNRQMAPHTGSPWSGWSSLKGQVTS
KPVVYINTDGRLEVFARGTDNALWHIWQTATNAGWSNWQSLGGVITSNPAIYANTDGRLEVFARGADNALWHISQTTAHS
GPWSSWASLNGVITSNPTVHINSDGRLEVFARGTDNALWHIWQTAPDSNLWSSWESLNGIITSDPVVIDTADGRLEVFAR
GADNALWHIWQTISHSGPWSGWQSLNGVITSAPAVAKNCDNRLEAFARGTDNALWHTWQTVSHSGPWSSWQSLNGVITSA
PTAVRDADGRLEVFARGTDNALWLTWQTASSWSPWISLGGVLIDASAIK
;
_entity_poly.pdbx_strand_id   A
#
loop_
_chem_comp.id
_chem_comp.type
_chem_comp.name
_chem_comp.formula
FUC L-saccharide, alpha linking alpha-L-fucopyranose 'C6 H12 O5'
GAL D-saccharide, beta linking beta-D-galactopyranose 'C6 H12 O6'
NA non-polymer 'SODIUM ION' 'Na 1'
NAG D-saccharide, beta linking 2-acetamido-2-deoxy-beta-D-glucopyranose 'C8 H15 N O6'
#
# COMPACT_ATOMS: atom_id res chain seq x y z
N THR A 26 8.75 2.89 -16.43
CA THR A 26 7.24 2.83 -16.49
C THR A 26 6.66 1.67 -15.65
N ILE A 27 5.46 1.87 -15.11
CA ILE A 27 4.75 0.88 -14.32
C ILE A 27 3.25 1.07 -14.53
N ALA A 28 2.47 0.03 -14.28
CA ALA A 28 1.01 0.13 -14.25
C ALA A 28 0.48 1.30 -13.40
N LEU A 29 -0.72 1.77 -13.74
CA LEU A 29 -1.33 2.96 -13.14
C LEU A 29 -1.53 2.74 -11.62
N SER A 30 -1.04 3.68 -10.81
CA SER A 30 -1.04 3.54 -9.35
C SER A 30 -2.41 3.63 -8.68
N GLU A 31 -2.43 3.18 -7.43
CA GLU A 31 -3.51 3.52 -6.51
C GLU A 31 -3.45 5.03 -6.31
N ILE A 32 -4.62 5.61 -6.07
CA ILE A 32 -4.81 7.07 -5.94
C ILE A 32 -4.88 7.56 -4.49
N VAL A 33 -5.11 6.65 -3.57
CA VAL A 33 -5.18 6.96 -2.15
C VAL A 33 -4.45 5.95 -1.27
N SER A 34 -4.25 6.37 -0.05
CA SER A 34 -3.71 5.53 0.99
C SER A 34 -4.84 5.41 2.00
N VAL A 35 -5.11 4.19 2.41
CA VAL A 35 -6.18 3.92 3.34
C VAL A 35 -5.65 3.19 4.58
N VAL A 36 -6.31 3.45 5.70
CA VAL A 36 -5.99 2.79 6.96
C VAL A 36 -7.26 2.59 7.76
N ASN A 37 -7.20 1.61 8.67
CA ASN A 37 -8.24 1.33 9.69
CA ASN A 37 -8.22 1.36 9.70
C ASN A 37 -7.77 2.04 10.96
N THR A 38 -8.53 3.03 11.44
CA THR A 38 -8.07 3.77 12.62
C THR A 38 -8.08 2.91 13.87
N SER A 39 -7.58 3.48 14.95
CA SER A 39 -7.55 2.75 16.23
C SER A 39 -9.00 2.42 16.72
N ASP A 40 -9.97 3.22 16.28
CA ASP A 40 -11.36 3.01 16.64
C ASP A 40 -12.17 2.44 15.47
N GLY A 41 -11.52 1.70 14.57
CA GLY A 41 -12.22 0.86 13.59
C GLY A 41 -12.84 1.58 12.39
N ARG A 42 -12.50 2.84 12.20
CA ARG A 42 -13.02 3.60 11.06
C ARG A 42 -12.01 3.68 9.91
N LEU A 43 -12.50 3.65 8.68
CA LEU A 43 -11.67 3.83 7.52
C LEU A 43 -11.35 5.29 7.33
N GLU A 44 -10.13 5.57 6.89
CA GLU A 44 -9.72 6.93 6.64
C GLU A 44 -8.84 6.93 5.36
N VAL A 45 -9.12 7.83 4.40
CA VAL A 45 -8.37 7.85 3.14
C VAL A 45 -7.64 9.13 2.92
N PHE A 46 -6.52 9.03 2.23
CA PHE A 46 -5.58 10.16 2.03
C PHE A 46 -5.17 10.17 0.56
N GLY A 47 -5.22 11.37 -0.03
CA GLY A 47 -4.90 11.58 -1.43
C GLY A 47 -4.38 12.98 -1.64
N VAL A 48 -4.24 13.33 -2.93
CA VAL A 48 -3.63 14.59 -3.31
C VAL A 48 -4.59 15.33 -4.22
N GLY A 49 -4.78 16.60 -3.93
CA GLY A 49 -5.70 17.44 -4.73
C GLY A 49 -4.97 18.21 -5.81
N THR A 50 -5.73 19.02 -6.53
CA THR A 50 -5.21 19.79 -7.69
C THR A 50 -4.11 20.80 -7.29
N ASP A 51 -4.31 21.37 -6.12
CA ASP A 51 -3.37 22.29 -5.44
C ASP A 51 -2.07 21.65 -4.90
N LYS A 52 -1.99 20.31 -4.95
CA LYS A 52 -0.84 19.49 -4.45
C LYS A 52 -0.80 19.32 -2.90
N ALA A 53 -1.92 19.60 -2.25
CA ALA A 53 -2.07 19.43 -0.81
C ALA A 53 -2.55 18.03 -0.56
N VAL A 54 -2.30 17.52 0.65
CA VAL A 54 -2.85 16.21 1.05
C VAL A 54 -4.24 16.46 1.59
N TRP A 55 -5.19 15.65 1.15
CA TRP A 55 -6.58 15.74 1.60
C TRP A 55 -6.95 14.38 2.14
N HIS A 56 -7.82 14.36 3.15
CA HIS A 56 -8.34 13.10 3.72
C HIS A 56 -9.84 13.10 3.92
N ASN A 57 -10.41 11.91 3.88
CA ASN A 57 -11.83 11.68 4.06
C ASN A 57 -12.00 10.54 5.07
N ARG A 58 -12.98 10.64 5.97
CA ARG A 58 -13.08 9.72 7.13
C ARG A 58 -14.46 9.18 7.29
N GLN A 59 -14.59 7.88 7.57
CA GLN A 59 -15.90 7.34 8.02
C GLN A 59 -16.26 7.95 9.35
N MET A 60 -17.54 8.22 9.56
CA MET A 60 -18.00 8.72 10.86
C MET A 60 -18.08 7.60 11.87
N ALA A 61 -18.43 6.44 11.34
CA ALA A 61 -18.79 5.27 12.15
C ALA A 61 -18.09 4.02 11.62
N PRO A 62 -17.76 3.09 12.53
CA PRO A 62 -16.96 1.91 12.19
C PRO A 62 -17.82 0.81 11.61
N HIS A 63 -18.50 1.08 10.49
CA HIS A 63 -19.44 0.15 9.84
C HIS A 63 -19.44 0.38 8.35
N THR A 64 -19.74 -0.69 7.61
CA THR A 64 -19.88 -0.61 6.17
C THR A 64 -21.04 0.30 5.80
N GLY A 65 -20.80 1.22 4.84
CA GLY A 65 -21.83 2.18 4.42
C GLY A 65 -22.03 3.36 5.36
N SER A 66 -21.07 3.59 6.28
CA SER A 66 -21.03 4.78 7.11
C SER A 66 -20.99 6.00 6.22
N PRO A 67 -21.61 7.09 6.68
CA PRO A 67 -21.40 8.36 6.00
C PRO A 67 -19.95 8.82 6.22
N TRP A 68 -19.50 9.66 5.32
CA TRP A 68 -18.12 10.15 5.30
C TRP A 68 -18.07 11.60 5.65
N SER A 69 -16.90 12.04 6.12
CA SER A 69 -16.67 13.43 6.52
C SER A 69 -16.81 14.39 5.35
N GLY A 70 -16.48 13.93 4.14
CA GLY A 70 -16.14 14.84 3.06
C GLY A 70 -14.67 15.22 3.20
N TRP A 71 -14.10 15.65 2.09
CA TRP A 71 -12.67 15.96 2.02
C TRP A 71 -12.29 17.16 2.86
N SER A 72 -11.11 17.06 3.46
CA SER A 72 -10.58 18.07 4.35
C SER A 72 -9.05 18.10 4.20
N SER A 73 -8.46 19.28 4.20
CA SER A 73 -7.07 19.45 3.78
C SER A 73 -6.11 19.39 4.96
N LEU A 74 -5.03 18.65 4.75
CA LEU A 74 -3.92 18.64 5.68
C LEU A 74 -2.81 19.53 5.19
N LYS A 75 -3.09 20.27 4.11
CA LYS A 75 -2.19 21.26 3.54
C LYS A 75 -0.91 20.58 3.05
N GLY A 76 0.24 21.25 3.14
CA GLY A 76 1.46 20.76 2.54
C GLY A 76 1.43 20.90 1.03
N GLN A 77 2.59 20.66 0.42
CA GLN A 77 2.74 20.56 -1.03
C GLN A 77 3.58 19.33 -1.24
N VAL A 78 3.08 18.35 -1.96
CA VAL A 78 3.75 17.07 -2.02
C VAL A 78 4.02 16.70 -3.46
N THR A 79 5.04 15.88 -3.65
CA THR A 79 5.48 15.43 -4.98
C THR A 79 5.61 13.91 -4.99
N SER A 80 4.86 13.23 -4.11
CA SER A 80 4.68 11.78 -4.15
C SER A 80 3.29 11.46 -3.68
N LYS A 81 2.93 10.20 -3.81
CA LYS A 81 1.72 9.71 -3.17
C LYS A 81 1.98 9.90 -1.66
N PRO A 82 0.96 10.37 -0.91
CA PRO A 82 1.06 10.46 0.53
C PRO A 82 0.67 9.10 1.11
N VAL A 83 1.41 8.64 2.12
CA VAL A 83 1.24 7.28 2.64
C VAL A 83 1.02 7.37 4.15
N VAL A 84 -0.12 6.88 4.59
CA VAL A 84 -0.50 6.89 6.01
C VAL A 84 -0.13 5.55 6.65
N TYR A 85 0.41 5.61 7.86
CA TYR A 85 0.67 4.43 8.65
C TYR A 85 0.26 4.73 10.09
N ILE A 86 -0.16 3.72 10.81
CA ILE A 86 -0.64 3.94 12.19
C ILE A 86 0.44 3.51 13.17
N ASN A 87 0.89 4.42 14.01
CA ASN A 87 1.85 4.10 15.07
C ASN A 87 1.25 3.05 16.05
N THR A 88 2.10 2.44 16.85
CA THR A 88 1.63 1.39 17.75
C THR A 88 0.89 1.96 18.97
N ASP A 89 0.91 3.28 19.15
CA ASP A 89 0.04 3.95 20.09
C ASP A 89 -1.25 4.48 19.44
N GLY A 90 -1.60 3.99 18.27
CA GLY A 90 -2.84 4.37 17.56
C GLY A 90 -2.85 5.70 16.79
N ARG A 91 -1.74 6.45 16.81
CA ARG A 91 -1.65 7.75 16.13
C ARG A 91 -1.25 7.56 14.67
N LEU A 92 -2.03 8.18 13.79
CA LEU A 92 -1.74 8.21 12.37
C LEU A 92 -0.63 9.15 12.07
N GLU A 93 0.07 8.81 11.01
CA GLU A 93 1.25 9.57 10.58
C GLU A 93 1.32 9.39 9.08
N VAL A 94 1.49 10.50 8.36
CA VAL A 94 1.50 10.50 6.91
C VAL A 94 2.84 10.93 6.42
N PHE A 95 3.34 10.23 5.41
CA PHE A 95 4.66 10.49 4.83
C PHE A 95 4.51 10.84 3.36
N ALA A 96 5.27 11.82 2.92
CA ALA A 96 5.25 12.23 1.50
C ALA A 96 6.52 12.98 1.13
N ARG A 97 6.96 12.78 -0.13
CA ARG A 97 8.06 13.60 -0.65
C ARG A 97 7.55 15.05 -0.79
N GLY A 98 8.35 15.99 -0.31
CA GLY A 98 8.06 17.42 -0.47
C GLY A 98 8.58 18.02 -1.77
N THR A 99 8.41 19.35 -1.88
CA THR A 99 8.75 20.09 -3.08
C THR A 99 10.24 20.22 -3.22
N ASP A 100 10.96 20.15 -2.11
CA ASP A 100 12.43 20.11 -2.11
C ASP A 100 13.02 18.66 -2.25
N ASN A 101 12.18 17.67 -2.57
CA ASN A 101 12.55 16.23 -2.60
C ASN A 101 12.95 15.51 -1.29
N ALA A 102 12.89 16.21 -0.17
CA ALA A 102 13.13 15.62 1.13
C ALA A 102 11.91 14.82 1.54
N LEU A 103 12.09 13.96 2.54
CA LEU A 103 10.98 13.20 3.11
C LEU A 103 10.34 14.13 4.11
N TRP A 104 9.03 14.26 4.03
CA TRP A 104 8.27 15.06 4.99
C TRP A 104 7.22 14.18 5.64
N HIS A 105 6.82 14.58 6.84
CA HIS A 105 5.78 13.87 7.56
C HIS A 105 4.95 14.78 8.43
N ILE A 106 3.79 14.27 8.81
CA ILE A 106 2.84 14.96 9.64
C ILE A 106 2.12 13.88 10.47
N TRP A 107 1.81 14.17 11.73
CA TRP A 107 1.28 13.18 12.63
C TRP A 107 0.20 13.72 13.55
N GLN A 108 -0.68 12.82 13.97
CA GLN A 108 -1.62 13.11 15.05
C GLN A 108 -0.86 13.29 16.37
N THR A 109 -1.22 14.28 17.16
CA THR A 109 -0.56 14.56 18.46
C THR A 109 -1.08 13.64 19.57
N ALA A 110 -2.26 13.12 19.34
CA ALA A 110 -2.89 12.14 20.19
C ALA A 110 -3.81 11.38 19.29
N THR A 111 -4.12 10.16 19.67
CA THR A 111 -4.92 9.30 18.80
C THR A 111 -6.26 9.91 18.36
N ASN A 112 -6.51 9.88 17.06
CA ASN A 112 -7.67 10.51 16.38
C ASN A 112 -7.99 11.94 16.86
N ALA A 113 -6.95 12.70 17.18
CA ALA A 113 -7.06 14.09 17.61
C ALA A 113 -6.45 14.97 16.50
N GLY A 114 -5.90 16.12 16.83
CA GLY A 114 -5.37 17.04 15.84
C GLY A 114 -4.01 16.61 15.31
N TRP A 115 -3.56 17.30 14.29
CA TRP A 115 -2.34 17.00 13.58
C TRP A 115 -1.25 18.05 13.85
N SER A 116 0.02 17.61 13.88
CA SER A 116 1.18 18.50 13.89
C SER A 116 1.22 19.35 12.65
N ASN A 117 2.22 20.21 12.59
CA ASN A 117 2.62 20.80 11.34
C ASN A 117 3.44 19.77 10.56
N TRP A 118 3.50 19.95 9.25
CA TRP A 118 4.44 19.24 8.42
C TRP A 118 5.85 19.50 8.90
N GLN A 119 6.68 18.47 8.87
CA GLN A 119 8.06 18.60 9.30
C GLN A 119 8.96 17.73 8.42
N SER A 120 10.20 18.17 8.22
CA SER A 120 11.07 17.52 7.25
C SER A 120 11.95 16.51 7.95
N LEU A 121 12.08 15.34 7.35
CA LEU A 121 13.06 14.36 7.77
C LEU A 121 14.30 14.38 6.85
N GLY A 122 14.39 15.36 5.94
CA GLY A 122 15.61 15.60 5.15
C GLY A 122 15.78 14.55 4.07
N GLY A 123 17.01 14.37 3.61
CA GLY A 123 17.31 13.50 2.49
C GLY A 123 16.75 13.95 1.16
N VAL A 124 16.94 13.11 0.16
CA VAL A 124 16.40 13.29 -1.19
C VAL A 124 15.92 11.94 -1.64
N ILE A 125 14.67 11.88 -2.04
CA ILE A 125 14.08 10.61 -2.41
C ILE A 125 13.45 10.69 -3.80
N THR A 126 13.27 9.53 -4.43
CA THR A 126 12.81 9.41 -5.81
C THR A 126 11.75 8.33 -5.96
N SER A 127 11.07 8.03 -4.85
CA SER A 127 9.93 7.13 -4.84
C SER A 127 8.92 7.61 -3.79
N ASN A 128 7.74 7.03 -3.83
CA ASN A 128 6.82 7.12 -2.70
C ASN A 128 7.50 6.47 -1.49
N PRO A 129 7.30 7.05 -0.30
CA PRO A 129 7.82 6.41 0.91
C PRO A 129 7.06 5.15 1.21
N ALA A 130 7.69 4.26 1.95
CA ALA A 130 7.05 2.99 2.37
C ALA A 130 7.45 2.74 3.80
N ILE A 131 6.49 2.26 4.61
CA ILE A 131 6.59 2.34 6.06
C ILE A 131 6.13 1.05 6.71
N TYR A 132 6.78 0.70 7.80
CA TYR A 132 6.30 -0.37 8.69
C TYR A 132 6.83 -0.16 10.11
N ALA A 133 6.10 -0.72 11.07
CA ALA A 133 6.52 -0.70 12.46
C ALA A 133 7.44 -1.88 12.77
N ASN A 134 8.59 -1.62 13.36
CA ASN A 134 9.36 -2.72 13.94
C ASN A 134 8.60 -3.32 15.12
N THR A 135 9.05 -4.49 15.56
CA THR A 135 8.43 -5.16 16.70
C THR A 135 8.61 -4.32 17.98
N ASP A 136 9.60 -3.42 18.01
CA ASP A 136 9.78 -2.50 19.12
C ASP A 136 8.99 -1.18 19.05
N GLY A 137 8.06 -1.09 18.09
CA GLY A 137 7.25 0.10 17.90
C GLY A 137 7.86 1.28 17.17
N ARG A 138 9.14 1.18 16.79
CA ARG A 138 9.79 2.24 15.99
C ARG A 138 9.34 2.14 14.55
N LEU A 139 8.75 3.19 14.00
CA LEU A 139 8.51 3.23 12.56
C LEU A 139 9.81 3.27 11.78
N GLU A 140 9.80 2.68 10.59
CA GLU A 140 10.94 2.69 9.73
C GLU A 140 10.43 2.92 8.32
N VAL A 141 11.06 3.89 7.66
CA VAL A 141 10.62 4.34 6.34
C VAL A 141 11.68 4.03 5.28
N PHE A 142 11.19 3.58 4.13
CA PHE A 142 12.01 3.18 3.01
C PHE A 142 11.59 3.96 1.76
N ALA A 143 12.57 4.31 0.98
CA ALA A 143 12.34 5.09 -0.25
C ALA A 143 13.58 5.05 -1.12
N ARG A 144 13.37 5.21 -2.42
CA ARG A 144 14.49 5.22 -3.37
C ARG A 144 15.19 6.54 -3.24
N GLY A 145 16.53 6.50 -3.39
CA GLY A 145 17.37 7.68 -3.39
C GLY A 145 17.67 8.24 -4.78
N ALA A 146 18.43 9.33 -4.76
CA ALA A 146 18.92 9.97 -5.99
C ALA A 146 19.89 9.04 -6.74
N ASP A 147 20.64 8.25 -5.98
CA ASP A 147 21.50 7.20 -6.56
C ASP A 147 20.72 5.97 -6.99
N ASN A 148 19.39 6.06 -7.07
CA ASN A 148 18.51 4.91 -7.31
C ASN A 148 18.61 3.70 -6.37
N ALA A 149 19.28 3.86 -5.24
CA ALA A 149 19.37 2.81 -4.22
C ALA A 149 18.20 2.98 -3.22
N LEU A 150 18.03 1.97 -2.35
CA LEU A 150 17.06 1.96 -1.28
C LEU A 150 17.71 2.59 -0.06
N TRP A 151 17.03 3.58 0.52
CA TRP A 151 17.48 4.23 1.72
C TRP A 151 16.42 4.01 2.80
N HIS A 152 16.83 4.21 4.05
CA HIS A 152 15.91 4.03 5.15
C HIS A 152 16.31 4.85 6.33
N ILE A 153 15.31 5.16 7.13
CA ILE A 153 15.42 5.99 8.32
C ILE A 153 14.33 5.51 9.30
N SER A 154 14.60 5.59 10.61
CA SER A 154 13.68 5.09 11.63
C SER A 154 13.52 6.02 12.82
N GLN A 155 12.41 5.87 13.53
CA GLN A 155 12.23 6.51 14.84
C GLN A 155 13.28 5.96 15.78
N THR A 156 13.79 6.79 16.69
CA THR A 156 14.82 6.31 17.58
C THR A 156 14.22 5.61 18.78
N THR A 157 12.93 5.88 19.07
CA THR A 157 12.18 5.21 20.14
C THR A 157 10.74 5.01 19.69
N ALA A 158 10.04 4.15 20.42
CA ALA A 158 8.75 3.69 20.01
C ALA A 158 7.82 4.86 19.76
N HIS A 159 7.17 4.83 18.59
CA HIS A 159 6.17 5.80 18.18
C HIS A 159 6.54 7.23 18.49
N SER A 160 7.79 7.59 18.23
CA SER A 160 8.26 8.91 18.54
C SER A 160 9.53 9.32 17.82
N GLY A 161 9.62 10.64 17.59
CA GLY A 161 10.89 11.27 17.21
C GLY A 161 11.79 11.41 18.44
N PRO A 162 13.04 11.79 18.24
CA PRO A 162 13.56 12.14 16.92
C PRO A 162 13.96 10.89 16.15
N TRP A 163 14.33 11.11 14.90
CA TRP A 163 14.63 10.04 13.96
C TRP A 163 16.11 9.80 13.84
N SER A 164 16.46 8.59 13.40
CA SER A 164 17.87 8.24 13.17
C SER A 164 18.37 9.12 12.04
N SER A 165 19.62 8.95 11.65
CA SER A 165 20.03 9.54 10.37
C SER A 165 19.78 8.52 9.29
N TRP A 166 19.82 8.98 8.05
CA TRP A 166 19.57 8.13 6.90
C TRP A 166 20.78 7.23 6.72
N ALA A 167 20.52 6.08 6.09
CA ALA A 167 21.56 5.18 5.62
C ALA A 167 21.00 4.47 4.40
N SER A 168 21.87 3.84 3.62
CA SER A 168 21.41 3.13 2.43
C SER A 168 21.46 1.65 2.62
N LEU A 169 20.45 0.97 2.11
CA LEU A 169 20.52 -0.48 1.88
C LEU A 169 20.96 -0.84 0.46
N ASN A 170 21.44 0.16 -0.30
CA ASN A 170 22.00 -0.08 -1.62
C ASN A 170 20.98 -0.67 -2.54
N GLY A 171 21.38 -1.54 -3.46
CA GLY A 171 20.53 -1.95 -4.55
C GLY A 171 20.39 -0.85 -5.57
N VAL A 172 19.71 -1.17 -6.67
CA VAL A 172 19.32 -0.19 -7.65
C VAL A 172 17.97 -0.64 -8.12
N ILE A 173 16.97 0.21 -7.93
CA ILE A 173 15.62 -0.26 -8.11
C ILE A 173 14.84 0.64 -9.03
N THR A 174 13.78 0.08 -9.61
CA THR A 174 13.07 0.70 -10.71
C THR A 174 11.56 0.76 -10.47
N SER A 175 11.13 0.65 -9.22
CA SER A 175 9.71 0.82 -8.88
C SER A 175 9.67 1.36 -7.49
N ASN A 176 8.48 1.77 -7.05
CA ASN A 176 8.31 2.12 -5.67
C ASN A 176 8.57 0.84 -4.86
N PRO A 177 9.28 0.97 -3.75
CA PRO A 177 9.44 -0.16 -2.83
C PRO A 177 8.19 -0.43 -1.95
N THR A 178 8.06 -1.67 -1.49
CA THR A 178 7.05 -2.03 -0.50
C THR A 178 7.69 -2.89 0.60
N VAL A 179 7.33 -2.55 1.85
CA VAL A 179 7.80 -3.25 3.04
C VAL A 179 6.67 -3.98 3.75
N HIS A 180 7.00 -5.14 4.30
CA HIS A 180 6.11 -5.84 5.20
C HIS A 180 6.95 -6.43 6.32
N ILE A 181 6.26 -7.06 7.25
CA ILE A 181 6.90 -7.75 8.33
C ILE A 181 6.68 -9.26 8.22
N ASN A 182 7.75 -10.02 8.40
CA ASN A 182 7.65 -11.46 8.52
C ASN A 182 6.97 -11.85 9.84
N SER A 183 6.51 -13.09 9.93
CA SER A 183 5.83 -13.55 11.16
C SER A 183 6.77 -13.75 12.36
N ASP A 184 8.08 -13.62 12.13
CA ASP A 184 9.05 -13.56 13.20
C ASP A 184 9.58 -12.17 13.50
N GLY A 185 8.94 -11.12 13.05
CA GLY A 185 9.40 -9.76 13.38
C GLY A 185 10.36 -9.05 12.41
N ARG A 186 10.92 -9.77 11.43
CA ARG A 186 11.93 -9.20 10.55
C ARG A 186 11.22 -8.47 9.41
N LEU A 187 11.55 -7.19 9.25
CA LEU A 187 11.10 -6.42 8.08
C LEU A 187 11.73 -6.96 6.78
N GLU A 188 11.03 -6.74 5.69
CA GLU A 188 11.49 -7.23 4.41
C GLU A 188 10.95 -6.33 3.32
N VAL A 189 11.85 -5.86 2.44
CA VAL A 189 11.47 -4.94 1.37
C VAL A 189 11.55 -5.54 -0.04
N PHE A 190 10.53 -5.21 -0.83
CA PHE A 190 10.43 -5.66 -2.21
C PHE A 190 10.43 -4.48 -3.17
N ALA A 191 11.15 -4.66 -4.27
CA ALA A 191 11.11 -3.69 -5.37
C ALA A 191 11.55 -4.34 -6.68
N ARG A 192 11.16 -3.72 -7.78
CA ARG A 192 11.65 -4.11 -9.10
C ARG A 192 13.11 -3.65 -9.29
N GLY A 193 13.91 -4.55 -9.83
CA GLY A 193 15.30 -4.28 -10.12
C GLY A 193 15.53 -3.76 -11.53
N THR A 194 16.82 -3.56 -11.84
CA THR A 194 17.26 -3.07 -13.16
C THR A 194 16.91 -4.02 -14.29
N ASP A 195 16.94 -5.32 -14.02
CA ASP A 195 16.52 -6.35 -15.00
C ASP A 195 15.00 -6.58 -15.06
N ASN A 196 14.20 -5.74 -14.38
CA ASN A 196 12.71 -5.92 -14.27
C ASN A 196 12.16 -7.17 -13.55
N ALA A 197 13.06 -7.92 -12.92
CA ALA A 197 12.70 -8.95 -11.96
C ALA A 197 12.23 -8.32 -10.63
N LEU A 198 11.56 -9.13 -9.81
CA LEU A 198 11.30 -8.81 -8.41
C LEU A 198 12.51 -9.15 -7.59
N TRP A 199 13.02 -8.15 -6.88
CA TRP A 199 14.12 -8.35 -5.94
C TRP A 199 13.66 -8.06 -4.51
N HIS A 200 14.41 -8.55 -3.52
CA HIS A 200 14.10 -8.30 -2.10
C HIS A 200 15.28 -8.36 -1.15
N ILE A 201 15.08 -7.78 0.02
CA ILE A 201 16.08 -7.70 1.07
C ILE A 201 15.36 -7.71 2.44
N TRP A 202 16.02 -8.21 3.49
CA TRP A 202 15.35 -8.43 4.79
C TRP A 202 16.25 -8.23 5.96
N GLN A 203 15.66 -7.79 7.09
CA GLN A 203 16.40 -7.74 8.35
C GLN A 203 16.81 -9.17 8.72
N THR A 204 17.97 -9.30 9.34
CA THR A 204 18.46 -10.59 9.85
C THR A 204 17.95 -10.85 11.27
N ALA A 205 17.45 -9.82 11.93
CA ALA A 205 16.87 -9.94 13.27
C ALA A 205 15.86 -8.79 13.46
N PRO A 206 14.82 -9.01 14.25
CA PRO A 206 13.83 -7.95 14.42
C PRO A 206 14.48 -6.72 14.99
N ASP A 207 13.99 -5.56 14.57
CA ASP A 207 14.46 -4.27 15.02
C ASP A 207 15.91 -3.94 14.61
N SER A 208 16.52 -4.79 13.82
CA SER A 208 17.96 -4.70 13.62
C SER A 208 18.31 -3.60 12.63
N ASN A 209 19.55 -3.13 12.67
CA ASN A 209 20.13 -2.44 11.54
C ASN A 209 21.02 -3.34 10.64
N LEU A 210 20.93 -4.68 10.77
CA LEU A 210 21.71 -5.61 9.94
C LEU A 210 20.76 -6.29 8.96
N TRP A 211 21.09 -6.20 7.67
CA TRP A 211 20.22 -6.72 6.61
C TRP A 211 20.95 -7.74 5.80
N SER A 212 20.19 -8.50 5.03
CA SER A 212 20.74 -9.48 4.11
C SER A 212 21.33 -8.76 2.93
N SER A 213 21.87 -9.52 1.98
CA SER A 213 22.15 -8.98 0.64
C SER A 213 20.85 -8.96 -0.14
N TRP A 214 20.78 -8.15 -1.20
CA TRP A 214 19.66 -8.23 -2.11
C TRP A 214 19.66 -9.60 -2.75
N GLU A 215 18.48 -10.15 -3.00
CA GLU A 215 18.31 -11.41 -3.74
C GLU A 215 17.19 -11.24 -4.71
N SER A 216 17.25 -12.01 -5.81
CA SER A 216 16.29 -11.91 -6.89
C SER A 216 15.25 -12.99 -6.76
N LEU A 217 14.00 -12.64 -7.00
CA LEU A 217 12.95 -13.64 -7.15
C LEU A 217 12.53 -13.79 -8.62
N ASN A 218 13.34 -13.28 -9.55
CA ASN A 218 13.13 -13.49 -10.98
C ASN A 218 11.78 -12.91 -11.44
N GLY A 219 11.16 -13.52 -12.47
CA GLY A 219 10.00 -12.97 -13.13
C GLY A 219 10.37 -11.72 -13.90
N ILE A 220 9.39 -11.17 -14.57
CA ILE A 220 9.49 -9.84 -15.17
C ILE A 220 8.20 -9.14 -14.76
N ILE A 221 8.33 -7.98 -14.13
CA ILE A 221 7.11 -7.29 -13.66
C ILE A 221 6.99 -5.89 -14.21
N THR A 222 5.73 -5.53 -14.44
CA THR A 222 5.36 -4.27 -15.02
C THR A 222 4.43 -3.45 -14.10
N SER A 223 4.41 -3.78 -12.79
CA SER A 223 3.75 -2.92 -11.79
C SER A 223 4.58 -2.86 -10.54
N ASP A 224 4.20 -1.92 -9.67
CA ASP A 224 4.74 -1.93 -8.33
C ASP A 224 4.32 -3.28 -7.74
N PRO A 225 5.24 -3.90 -6.99
CA PRO A 225 4.85 -5.08 -6.24
C PRO A 225 3.96 -4.67 -5.07
N VAL A 226 3.01 -5.53 -4.74
CA VAL A 226 2.14 -5.48 -3.59
C VAL A 226 2.40 -6.69 -2.71
N VAL A 227 2.51 -6.48 -1.39
CA VAL A 227 2.79 -7.57 -0.44
C VAL A 227 1.78 -7.66 0.72
N ILE A 228 1.48 -8.87 1.15
CA ILE A 228 0.56 -9.09 2.25
C ILE A 228 1.02 -10.33 2.97
N ASP A 229 0.69 -10.42 4.24
CA ASP A 229 0.95 -11.59 5.05
C ASP A 229 -0.33 -12.46 5.06
N THR A 230 -0.16 -13.76 4.82
CA THR A 230 -1.26 -14.70 4.87
C THR A 230 -1.60 -15.05 6.33
N ALA A 231 -2.79 -15.60 6.55
CA ALA A 231 -3.21 -16.13 7.87
C ALA A 231 -2.20 -17.06 8.47
N ASP A 232 -1.46 -17.77 7.63
CA ASP A 232 -0.47 -18.70 8.10
C ASP A 232 0.97 -18.17 8.10
N GLY A 233 1.12 -16.85 8.18
CA GLY A 233 2.42 -16.21 8.49
C GLY A 233 3.43 -16.19 7.35
N ARG A 234 2.95 -16.13 6.11
CA ARG A 234 3.78 -16.16 4.92
C ARG A 234 3.60 -14.86 4.14
N LEU A 235 4.71 -14.27 3.68
CA LEU A 235 4.66 -13.16 2.75
C LEU A 235 4.30 -13.65 1.35
N GLU A 236 3.36 -12.97 0.72
CA GLU A 236 2.89 -13.28 -0.59
C GLU A 236 2.88 -11.95 -1.37
N VAL A 237 3.47 -11.99 -2.56
CA VAL A 237 3.68 -10.83 -3.40
C VAL A 237 2.86 -10.94 -4.69
N PHE A 238 2.21 -9.84 -5.09
CA PHE A 238 1.41 -9.77 -6.30
C PHE A 238 1.96 -8.65 -7.17
N ALA A 239 2.01 -8.91 -8.47
CA ALA A 239 2.45 -7.92 -9.46
C ALA A 239 1.91 -8.24 -10.84
N ARG A 240 1.88 -7.23 -11.71
CA ARG A 240 1.53 -7.40 -13.12
C ARG A 240 2.75 -7.91 -13.85
N GLY A 241 2.56 -8.94 -14.68
CA GLY A 241 3.66 -9.50 -15.50
C GLY A 241 3.79 -8.87 -16.88
N ALA A 242 4.68 -9.43 -17.69
CA ALA A 242 4.93 -8.94 -19.06
C ALA A 242 3.70 -9.12 -19.96
N ASP A 243 2.95 -10.18 -19.74
CA ASP A 243 1.71 -10.44 -20.47
C ASP A 243 0.51 -9.67 -19.92
N ASN A 244 0.75 -8.73 -19.00
CA ASN A 244 -0.31 -7.99 -18.33
C ASN A 244 -1.35 -8.89 -17.62
N ALA A 245 -0.97 -10.13 -17.26
CA ALA A 245 -1.82 -10.92 -16.35
C ALA A 245 -1.34 -10.61 -14.92
N LEU A 246 -2.16 -10.99 -13.94
CA LEU A 246 -1.82 -10.88 -12.52
C LEU A 246 -1.03 -12.10 -12.12
N TRP A 247 0.21 -11.90 -11.70
CA TRP A 247 1.02 -12.97 -11.12
C TRP A 247 1.23 -12.79 -9.60
N HIS A 248 1.53 -13.88 -8.93
CA HIS A 248 1.96 -13.87 -7.54
C HIS A 248 3.01 -14.96 -7.24
N ILE A 249 3.65 -14.79 -6.09
CA ILE A 249 4.73 -15.67 -5.62
C ILE A 249 4.76 -15.57 -4.07
N TRP A 250 5.24 -16.60 -3.37
CA TRP A 250 5.11 -16.61 -1.90
C TRP A 250 6.16 -17.42 -1.16
N GLN A 251 6.35 -17.07 0.12
CA GLN A 251 7.17 -17.88 1.00
C GLN A 251 6.49 -19.23 1.18
N THR A 252 7.30 -20.29 1.18
CA THR A 252 6.78 -21.67 1.19
C THR A 252 6.40 -22.15 2.58
N ILE A 253 7.15 -21.72 3.59
CA ILE A 253 6.89 -22.07 5.00
C ILE A 253 6.91 -20.74 5.73
N SER A 254 6.29 -20.70 6.91
CA SER A 254 6.24 -19.48 7.74
C SER A 254 7.60 -18.75 7.84
N HIS A 255 7.61 -17.47 7.44
CA HIS A 255 8.79 -16.55 7.49
C HIS A 255 10.11 -17.03 6.87
N SER A 256 10.03 -18.07 6.06
CA SER A 256 11.17 -18.88 5.72
C SER A 256 11.32 -18.75 4.23
N GLY A 257 12.57 -18.71 3.76
CA GLY A 257 12.87 -19.05 2.37
C GLY A 257 12.85 -20.58 2.27
N PRO A 258 12.85 -21.15 1.06
CA PRO A 258 12.79 -20.44 -0.21
C PRO A 258 11.36 -20.15 -0.62
N TRP A 259 11.19 -19.48 -1.74
CA TRP A 259 9.87 -19.09 -2.23
C TRP A 259 9.34 -20.11 -3.24
N SER A 260 8.08 -19.96 -3.61
CA SER A 260 7.43 -20.79 -4.61
C SER A 260 7.93 -20.31 -5.93
N GLY A 261 7.45 -20.90 -7.01
CA GLY A 261 7.68 -20.27 -8.30
C GLY A 261 6.64 -19.18 -8.50
N TRP A 262 6.88 -18.31 -9.48
CA TRP A 262 5.85 -17.43 -9.98
C TRP A 262 4.70 -18.23 -10.59
N GLN A 263 3.47 -17.92 -10.22
CA GLN A 263 2.27 -18.54 -10.82
C GLN A 263 1.39 -17.43 -11.27
N SER A 264 0.65 -17.66 -12.35
CA SER A 264 -0.22 -16.64 -12.92
C SER A 264 -1.62 -16.82 -12.37
N LEU A 265 -2.33 -15.70 -12.15
CA LEU A 265 -3.78 -15.71 -11.85
C LEU A 265 -4.59 -15.19 -13.04
N ASN A 266 -3.91 -15.06 -14.20
CA ASN A 266 -4.56 -14.72 -15.49
C ASN A 266 -5.15 -13.30 -15.41
N GLY A 267 -6.27 -13.05 -16.11
CA GLY A 267 -6.79 -11.71 -16.34
C GLY A 267 -5.93 -10.86 -17.26
N VAL A 268 -6.50 -9.76 -17.75
CA VAL A 268 -5.74 -8.72 -18.44
C VAL A 268 -6.05 -7.45 -17.66
N ILE A 269 -5.01 -6.77 -17.19
CA ILE A 269 -5.19 -5.65 -16.26
C ILE A 269 -4.37 -4.45 -16.65
N THR A 270 -4.99 -3.28 -16.44
CA THR A 270 -4.48 -1.98 -16.90
C THR A 270 -4.06 -1.00 -15.76
N SER A 271 -4.05 -1.50 -14.52
CA SER A 271 -3.61 -0.76 -13.35
C SER A 271 -2.80 -1.68 -12.46
N ALA A 272 -2.17 -1.12 -11.42
CA ALA A 272 -1.55 -1.94 -10.40
C ALA A 272 -2.67 -2.78 -9.70
N PRO A 273 -2.32 -3.97 -9.17
CA PRO A 273 -3.29 -4.73 -8.36
C PRO A 273 -3.36 -4.21 -6.92
N ALA A 274 -4.47 -4.51 -6.24
CA ALA A 274 -4.61 -4.30 -4.80
C ALA A 274 -5.11 -5.61 -4.18
N VAL A 275 -4.69 -5.88 -2.93
CA VAL A 275 -5.01 -7.15 -2.26
C VAL A 275 -5.40 -6.93 -0.80
N ALA A 276 -6.36 -7.71 -0.32
CA ALA A 276 -6.87 -7.62 1.07
C ALA A 276 -7.33 -8.98 1.53
N LYS A 277 -7.46 -9.15 2.84
CA LYS A 277 -7.94 -10.40 3.43
C LYS A 277 -9.39 -10.24 3.78
N ASN A 278 -10.21 -11.22 3.41
CA ASN A 278 -11.59 -11.27 3.90
C ASN A 278 -11.58 -11.55 5.40
N CYS A 279 -12.74 -11.52 6.04
CA CYS A 279 -12.79 -11.75 7.49
C CYS A 279 -12.44 -13.21 7.85
N ASP A 280 -12.49 -14.12 6.85
CA ASP A 280 -12.05 -15.51 7.01
C ASP A 280 -10.63 -15.74 6.49
N ASN A 281 -9.91 -14.65 6.24
CA ASN A 281 -8.56 -14.64 5.74
C ASN A 281 -8.34 -15.10 4.30
N ARG A 282 -9.41 -15.39 3.56
CA ARG A 282 -9.29 -15.60 2.11
C ARG A 282 -8.80 -14.34 1.43
N LEU A 283 -7.73 -14.46 0.65
CA LEU A 283 -7.17 -13.32 -0.09
C LEU A 283 -8.03 -12.98 -1.27
N GLU A 284 -8.07 -11.69 -1.61
CA GLU A 284 -8.89 -11.21 -2.73
C GLU A 284 -8.12 -10.13 -3.44
N ALA A 285 -7.91 -10.28 -4.74
CA ALA A 285 -7.15 -9.33 -5.56
C ALA A 285 -8.11 -8.52 -6.43
N PHE A 286 -7.76 -7.26 -6.67
CA PHE A 286 -8.55 -6.27 -7.41
C PHE A 286 -7.66 -5.58 -8.42
N ALA A 287 -8.22 -5.30 -9.62
CA ALA A 287 -7.52 -4.52 -10.68
C ALA A 287 -8.45 -3.95 -11.75
N ARG A 288 -7.99 -2.89 -12.41
CA ARG A 288 -8.70 -2.32 -13.55
C ARG A 288 -8.47 -3.27 -14.73
N GLY A 289 -9.56 -3.62 -15.41
CA GLY A 289 -9.51 -4.46 -16.62
C GLY A 289 -9.33 -3.62 -17.88
N THR A 290 -9.42 -4.29 -19.04
CA THR A 290 -9.23 -3.64 -20.35
C THR A 290 -10.47 -2.81 -20.72
N ASP A 291 -11.67 -3.23 -20.27
CA ASP A 291 -12.86 -2.38 -20.36
C ASP A 291 -12.89 -1.22 -19.32
N ASN A 292 -11.76 -1.00 -18.62
CA ASN A 292 -11.60 -0.03 -17.51
C ASN A 292 -12.65 -0.09 -16.40
N ALA A 293 -13.14 -1.29 -16.12
CA ALA A 293 -13.97 -1.57 -14.97
C ALA A 293 -13.11 -2.22 -13.87
N LEU A 294 -13.68 -2.32 -12.68
CA LEU A 294 -13.02 -3.01 -11.58
C LEU A 294 -13.30 -4.49 -11.70
N TRP A 295 -12.21 -5.28 -11.63
CA TRP A 295 -12.24 -6.75 -11.67
C TRP A 295 -11.60 -7.34 -10.41
N HIS A 296 -12.09 -8.49 -9.99
CA HIS A 296 -11.51 -9.18 -8.84
C HIS A 296 -11.56 -10.69 -8.94
N THR A 297 -10.59 -11.32 -8.29
CA THR A 297 -10.47 -12.76 -8.14
C THR A 297 -10.17 -13.04 -6.67
N TRP A 298 -10.67 -14.17 -6.15
CA TRP A 298 -10.55 -14.48 -4.72
C TRP A 298 -10.31 -15.95 -4.44
N GLN A 299 -9.60 -16.23 -3.36
CA GLN A 299 -9.46 -17.60 -2.88
C GLN A 299 -10.88 -18.11 -2.54
N THR A 300 -11.12 -19.37 -2.87
CA THR A 300 -12.40 -20.01 -2.60
C THR A 300 -12.22 -20.93 -1.41
N VAL A 301 -13.31 -21.13 -0.66
CA VAL A 301 -13.40 -22.11 0.45
C VAL A 301 -12.71 -21.66 1.75
N SER A 302 -11.40 -21.44 1.67
CA SER A 302 -10.59 -21.04 2.81
C SER A 302 -9.33 -20.33 2.32
N HIS A 303 -8.55 -19.86 3.28
CA HIS A 303 -7.31 -19.14 2.96
C HIS A 303 -6.19 -20.00 2.33
N SER A 304 -6.33 -21.33 2.36
CA SER A 304 -5.42 -22.23 1.62
C SER A 304 -6.07 -22.76 0.31
N GLY A 305 -7.28 -22.27 -0.01
CA GLY A 305 -8.05 -22.71 -1.17
C GLY A 305 -7.58 -22.12 -2.51
N PRO A 306 -8.08 -22.69 -3.61
CA PRO A 306 -7.68 -22.22 -4.95
C PRO A 306 -8.46 -20.94 -5.37
N TRP A 307 -7.89 -20.21 -6.32
CA TRP A 307 -8.46 -18.93 -6.70
C TRP A 307 -9.61 -19.04 -7.71
N SER A 308 -10.66 -18.26 -7.50
CA SER A 308 -11.76 -18.12 -8.47
C SER A 308 -11.27 -17.62 -9.85
N SER A 309 -12.18 -17.69 -10.83
CA SER A 309 -12.00 -16.99 -12.10
C SER A 309 -12.40 -15.54 -11.86
N TRP A 310 -11.89 -14.66 -12.72
CA TRP A 310 -12.15 -13.24 -12.61
C TRP A 310 -13.62 -12.88 -12.86
N GLN A 311 -14.06 -11.79 -12.23
CA GLN A 311 -15.45 -11.33 -12.30
C GLN A 311 -15.52 -9.81 -12.13
N SER A 312 -16.56 -9.18 -12.69
CA SER A 312 -16.62 -7.72 -12.76
C SER A 312 -17.43 -7.10 -11.63
N LEU A 313 -16.87 -6.00 -11.08
CA LEU A 313 -17.56 -5.11 -10.14
C LEU A 313 -17.98 -3.81 -10.80
N ASN A 314 -17.83 -3.74 -12.12
CA ASN A 314 -18.34 -2.64 -12.94
C ASN A 314 -17.59 -1.34 -12.68
N GLY A 315 -18.26 -0.21 -12.89
CA GLY A 315 -17.64 1.09 -12.88
C GLY A 315 -16.77 1.31 -14.10
N VAL A 316 -16.51 2.59 -14.37
CA VAL A 316 -15.39 2.97 -15.22
C VAL A 316 -14.52 3.81 -14.31
N ILE A 317 -13.22 3.49 -14.25
CA ILE A 317 -12.30 4.06 -13.24
C ILE A 317 -10.95 4.44 -13.85
N THR A 318 -10.29 5.41 -13.23
CA THR A 318 -9.10 6.05 -13.79
C THR A 318 -7.91 6.00 -12.83
N SER A 319 -7.86 4.96 -12.01
CA SER A 319 -6.74 4.69 -11.08
C SER A 319 -6.78 3.22 -10.75
N ALA A 320 -5.71 2.66 -10.20
CA ALA A 320 -5.80 1.32 -9.61
C ALA A 320 -6.75 1.40 -8.45
N PRO A 321 -7.39 0.28 -8.10
CA PRO A 321 -8.26 0.25 -6.92
C PRO A 321 -7.45 0.19 -5.64
N THR A 322 -8.05 0.62 -4.55
CA THR A 322 -7.49 0.43 -3.20
C THR A 322 -8.48 -0.35 -2.35
N ALA A 323 -8.01 -1.48 -1.82
CA ALA A 323 -8.85 -2.36 -1.06
C ALA A 323 -8.44 -2.45 0.44
N VAL A 324 -9.45 -2.54 1.29
CA VAL A 324 -9.25 -2.60 2.74
C VAL A 324 -10.42 -3.32 3.35
N ARG A 325 -10.18 -4.03 4.46
CA ARG A 325 -11.26 -4.63 5.25
C ARG A 325 -11.72 -3.67 6.34
N ASP A 326 -13.03 -3.49 6.48
CA ASP A 326 -13.60 -2.57 7.48
C ASP A 326 -13.89 -3.29 8.77
N ALA A 327 -14.50 -2.59 9.72
CA ALA A 327 -14.69 -3.15 11.05
C ALA A 327 -15.90 -4.06 11.17
N ASP A 328 -16.69 -4.20 10.10
CA ASP A 328 -17.70 -5.24 9.99
C ASP A 328 -17.14 -6.49 9.28
N GLY A 329 -15.84 -6.53 9.02
CA GLY A 329 -15.23 -7.66 8.35
C GLY A 329 -15.51 -7.65 6.86
N ARG A 330 -15.99 -6.53 6.32
CA ARG A 330 -16.35 -6.47 4.90
C ARG A 330 -15.29 -5.73 4.12
N LEU A 331 -15.02 -6.20 2.91
CA LEU A 331 -14.08 -5.51 2.03
C LEU A 331 -14.76 -4.27 1.41
N GLU A 332 -14.00 -3.17 1.35
CA GLU A 332 -14.41 -1.94 0.72
C GLU A 332 -13.29 -1.56 -0.24
N VAL A 333 -13.70 -1.09 -1.42
CA VAL A 333 -12.77 -0.74 -2.48
C VAL A 333 -13.00 0.68 -3.00
N PHE A 334 -11.90 1.41 -3.14
CA PHE A 334 -11.89 2.78 -3.61
C PHE A 334 -11.19 2.86 -4.96
N ALA A 335 -11.64 3.79 -5.81
CA ALA A 335 -10.94 4.08 -7.08
C ALA A 335 -11.39 5.42 -7.61
N ARG A 336 -10.48 6.13 -8.27
CA ARG A 336 -10.86 7.40 -8.89
C ARG A 336 -11.81 7.14 -10.09
N GLY A 337 -12.85 7.97 -10.22
CA GLY A 337 -13.84 7.84 -11.31
C GLY A 337 -13.48 8.64 -12.56
N THR A 338 -14.39 8.67 -13.54
CA THR A 338 -14.23 9.51 -14.76
C THR A 338 -14.24 11.01 -14.49
N ASP A 339 -14.95 11.43 -13.43
CA ASP A 339 -15.03 12.84 -12.98
C ASP A 339 -13.88 13.28 -12.06
N ASN A 340 -12.88 12.41 -11.92
CA ASN A 340 -11.76 12.53 -10.98
C ASN A 340 -12.09 12.55 -9.47
N ALA A 341 -13.33 12.22 -9.14
CA ALA A 341 -13.75 12.02 -7.76
C ALA A 341 -13.40 10.59 -7.35
N LEU A 342 -13.33 10.36 -6.04
CA LEU A 342 -13.12 9.03 -5.50
C LEU A 342 -14.46 8.33 -5.36
N TRP A 343 -14.53 7.09 -5.83
CA TRP A 343 -15.73 6.31 -5.72
C TRP A 343 -15.48 5.01 -4.95
N LEU A 344 -16.55 4.46 -4.40
CA LEU A 344 -16.51 3.43 -3.39
C LEU A 344 -17.57 2.32 -3.60
N THR A 345 -17.14 1.07 -3.56
CA THR A 345 -18.07 -0.06 -3.57
C THR A 345 -17.63 -1.09 -2.50
N TRP A 346 -18.59 -1.73 -1.85
CA TRP A 346 -18.34 -2.67 -0.75
C TRP A 346 -19.11 -3.97 -0.86
N GLN A 347 -18.59 -5.04 -0.23
CA GLN A 347 -19.32 -6.30 -0.14
C GLN A 347 -20.64 -6.19 0.64
N THR A 348 -21.64 -6.96 0.20
CA THR A 348 -22.95 -7.14 0.88
C THR A 348 -23.11 -8.65 1.14
N ALA A 349 -24.28 -9.07 1.64
CA ALA A 349 -24.60 -10.49 1.75
C ALA A 349 -24.61 -11.15 0.37
N SER A 350 -25.47 -10.63 -0.50
CA SER A 350 -25.63 -11.13 -1.86
C SER A 350 -24.35 -10.97 -2.71
N SER A 351 -24.02 -9.71 -3.02
CA SER A 351 -22.97 -9.39 -3.99
CA SER A 351 -22.98 -9.39 -3.98
C SER A 351 -22.17 -8.18 -3.48
N TRP A 352 -22.10 -7.08 -4.25
CA TRP A 352 -21.45 -5.85 -3.84
C TRP A 352 -22.42 -4.66 -3.99
N SER A 353 -22.14 -3.57 -3.27
CA SER A 353 -22.94 -2.38 -3.32
C SER A 353 -22.77 -1.70 -4.69
N PRO A 354 -23.73 -0.82 -5.06
CA PRO A 354 -23.52 -0.01 -6.26
C PRO A 354 -22.42 0.98 -5.97
N TRP A 355 -21.72 1.40 -7.01
CA TRP A 355 -20.74 2.45 -6.88
C TRP A 355 -21.39 3.72 -6.32
N ILE A 356 -20.73 4.36 -5.35
CA ILE A 356 -21.19 5.63 -4.80
C ILE A 356 -20.01 6.61 -4.81
N SER A 357 -20.31 7.90 -4.91
CA SER A 357 -19.27 8.92 -5.04
C SER A 357 -18.94 9.53 -3.73
N LEU A 358 -17.64 9.71 -3.43
CA LEU A 358 -17.20 10.45 -2.23
C LEU A 358 -16.71 11.87 -2.55
N GLY A 359 -16.94 12.33 -3.78
CA GLY A 359 -16.56 13.67 -4.19
C GLY A 359 -15.06 13.83 -4.31
N GLY A 360 -14.66 15.10 -4.34
CA GLY A 360 -13.27 15.52 -4.43
C GLY A 360 -12.77 15.45 -5.86
N VAL A 361 -11.59 16.00 -6.07
CA VAL A 361 -10.89 15.86 -7.33
C VAL A 361 -9.46 15.48 -7.01
N LEU A 362 -9.09 14.25 -7.37
CA LEU A 362 -7.78 13.68 -7.01
C LEU A 362 -6.84 13.56 -8.18
N ILE A 363 -5.56 13.80 -7.94
CA ILE A 363 -4.50 13.58 -8.91
C ILE A 363 -3.56 12.47 -8.48
N ASP A 364 -2.87 11.90 -9.46
CA ASP A 364 -1.88 10.90 -9.18
C ASP A 364 -0.55 11.61 -9.01
N ALA A 365 -0.10 11.73 -7.77
CA ALA A 365 1.18 12.35 -7.47
C ALA A 365 2.31 11.33 -7.30
N SER A 366 2.13 10.08 -7.75
CA SER A 366 3.13 9.05 -7.55
C SER A 366 4.49 9.48 -8.11
N ALA A 367 5.53 9.38 -7.29
CA ALA A 367 6.88 9.78 -7.70
C ALA A 367 7.48 8.93 -8.81
N ILE A 368 7.00 7.70 -8.95
CA ILE A 368 7.38 6.80 -10.03
C ILE A 368 6.08 6.49 -10.76
N LYS A 369 6.06 6.72 -12.08
CA LYS A 369 4.92 6.38 -12.93
C LYS A 369 5.35 5.58 -14.17
C1 NAG B . 8.73 24.07 8.61
C2 NAG B . 7.32 24.17 9.22
C3 NAG B . 6.32 23.67 8.20
C4 NAG B . 6.47 24.47 6.90
C5 NAG B . 7.93 24.62 6.40
C6 NAG B . 8.09 25.82 5.46
C7 NAG B . 7.12 23.91 11.67
C8 NAG B . 7.38 23.02 12.85
N2 NAG B . 7.32 23.39 10.45
O1 NAG B . 9.71 24.55 9.54
O3 NAG B . 4.96 23.77 8.65
O4 NAG B . 5.68 23.81 5.90
O5 NAG B . 8.87 24.87 7.44
O6 NAG B . 7.61 25.45 4.18
O7 NAG B . 6.77 25.07 11.82
C1 GAL B . 4.46 24.20 5.24
C2 GAL B . 3.97 23.71 3.87
C3 GAL B . 2.80 24.56 3.33
C4 GAL B . 1.79 24.85 4.44
C5 GAL B . 2.53 25.53 5.59
C6 GAL B . 1.63 26.09 6.70
O2 GAL B . 5.15 23.73 3.04
O3 GAL B . 2.09 23.91 2.28
O4 GAL B . 1.20 23.60 4.84
O5 GAL B . 3.41 24.55 6.16
O6 GAL B . 2.42 26.75 7.69
C1 FUC B . 5.07 22.99 1.80
C2 FUC B . 6.40 23.23 1.05
C3 FUC B . 7.53 22.42 1.69
C4 FUC B . 7.08 20.96 1.73
C5 FUC B . 5.82 20.82 2.61
C6 FUC B . 5.33 19.37 2.79
O2 FUC B . 6.70 24.64 1.08
O3 FUC B . 8.79 22.56 1.03
O4 FUC B . 6.77 20.52 0.40
O5 FUC B . 4.78 21.58 1.97
C1 NAG C . 23.04 -11.17 -6.71
C2 NAG C . 23.59 -10.82 -5.32
C3 NAG C . 23.22 -9.37 -4.96
C4 NAG C . 23.66 -8.44 -6.11
C5 NAG C . 23.37 -8.93 -7.54
C6 NAG C . 24.19 -8.11 -8.53
C7 NAG C . 23.75 -12.37 -3.40
C8 NAG C . 23.00 -13.38 -2.57
N2 NAG C . 23.05 -11.80 -4.39
O1 NAG C . 23.37 -12.53 -7.03
O3 NAG C . 23.81 -8.93 -3.71
O4 NAG C . 23.05 -7.16 -6.01
O5 NAG C . 23.63 -10.34 -7.69
O6 NAG C . 24.42 -8.80 -9.75
O7 NAG C . 24.91 -12.10 -3.17
C1 GAL C . 23.88 -6.02 -5.81
C2 GAL C . 23.12 -4.72 -6.05
C3 GAL C . 24.07 -3.52 -5.86
C4 GAL C . 24.86 -3.68 -4.57
C5 GAL C . 25.65 -5.00 -4.58
C6 GAL C . 26.52 -5.19 -3.34
O2 GAL C . 22.65 -4.87 -7.39
O3 GAL C . 23.37 -2.27 -5.81
O4 GAL C . 23.93 -3.64 -3.45
O5 GAL C . 24.72 -6.06 -4.66
O6 GAL C . 27.43 -6.30 -3.54
C1 FUC C . 21.75 -3.89 -7.92
C2 FUC C . 21.64 -4.11 -9.45
C3 FUC C . 20.80 -5.36 -9.77
C4 FUC C . 19.45 -5.24 -9.06
C5 FUC C . 19.69 -5.12 -7.56
C6 FUC C . 18.36 -5.05 -6.83
O2 FUC C . 22.96 -4.14 -10.04
O3 FUC C . 20.50 -5.52 -11.16
O4 FUC C . 18.67 -4.09 -9.48
O5 FUC C . 20.45 -3.94 -7.30
C1 NAG D . -24.75 7.07 -9.40
C2 NAG D . -25.00 5.61 -9.02
C3 NAG D . -23.91 4.71 -9.60
C4 NAG D . -23.65 5.01 -11.07
C5 NAG D . -23.48 6.51 -11.29
C6 NAG D . -23.32 6.94 -12.76
C7 NAG D . -26.14 5.67 -6.84
C8 NAG D . -25.95 5.73 -5.36
N2 NAG D . -25.03 5.52 -7.57
O1 NAG D . -25.84 7.90 -8.98
O3 NAG D . -24.28 3.34 -9.44
O4 NAG D . -22.45 4.37 -11.50
O5 NAG D . -24.62 7.19 -10.81
O6 NAG D . -22.37 7.99 -12.76
O7 NAG D . -27.26 5.81 -7.32
C1 GAL D . -22.33 3.47 -12.59
C2 GAL D . -20.95 3.28 -13.20
C3 GAL D . -21.02 2.33 -14.42
C4 GAL D . -21.84 1.08 -14.07
C5 GAL D . -23.22 1.50 -13.59
C6 GAL D . -24.17 0.33 -13.35
O2 GAL D . -20.61 4.63 -13.48
O3 GAL D . -19.75 1.90 -14.90
O4 GAL D . -21.16 0.34 -13.05
O5 GAL D . -23.03 2.25 -12.37
O6 GAL D . -25.39 0.78 -12.73
C1 FUC D . -19.27 4.86 -14.00
C2 FUC D . -19.20 6.35 -14.41
C3 FUC D . -18.85 7.27 -13.22
C4 FUC D . -17.73 6.67 -12.35
C5 FUC D . -18.16 5.29 -11.93
C6 FUC D . -17.18 4.70 -10.92
O2 FUC D . -20.46 6.74 -14.96
O3 FUC D . -18.47 8.57 -13.69
O4 FUC D . -16.47 6.64 -13.04
O5 FUC D . -18.21 4.47 -13.10
NA NA E . 3.74 -2.39 2.98
#